data_3BRN
#
_entry.id   3BRN
#
_cell.length_a   91.694
_cell.length_b   91.694
_cell.length_c   37.836
_cell.angle_alpha   90.000
_cell.angle_beta   90.000
_cell.angle_gamma   120.000
#
_symmetry.space_group_name_H-M   'P 31'
#
loop_
_entity.id
_entity.type
_entity.pdbx_description
1 polymer Lipocalin
2 non-polymer SEROTONIN
3 water water
#
_entity_poly.entity_id   1
_entity_poly.type   'polypeptide(L)'
_entity_poly.pdbx_seq_one_letter_code
;AASSAQCDFGGPFQAYKSVNGPGNGGYYLRKTTKPGTPECAYVLVPQNTLSEGQSTSFTYGKLQNGQMIQLTATVTVNGD
KIEVTGAGQDLSGTTTVLFSDYRSCDVMRGPDGNYELWVHSSAINLQSYGCCDTKFAQVAGGRPIHHTWQTYCPPLP
;
_entity_poly.pdbx_strand_id   A,B
#
# COMPACT_ATOMS: atom_id res chain seq x y z
N ALA A 5 -2.35 28.60 -27.52
CA ALA A 5 -2.90 29.33 -26.33
C ALA A 5 -2.04 29.10 -25.10
N GLN A 6 -1.92 30.13 -24.26
CA GLN A 6 -1.05 30.08 -23.09
C GLN A 6 -1.43 28.97 -22.12
N CYS A 7 -0.41 28.36 -21.52
CA CYS A 7 -0.60 27.33 -20.50
C CYS A 7 -0.76 28.04 -19.16
N ASP A 8 -1.46 27.40 -18.23
CA ASP A 8 -1.60 27.97 -16.90
C ASP A 8 -0.95 27.07 -15.86
N PHE A 9 0.26 27.43 -15.45
CA PHE A 9 1.04 26.60 -14.53
C PHE A 9 0.88 27.05 -13.07
N GLY A 10 -0.11 27.89 -12.82
CA GLY A 10 -0.57 28.15 -11.47
C GLY A 10 -1.57 27.08 -11.09
N GLY A 11 -1.46 26.57 -9.88
CA GLY A 11 -2.39 25.53 -9.45
C GLY A 11 -3.55 26.11 -8.67
N PRO A 12 -3.91 25.44 -7.56
CA PRO A 12 -3.17 24.22 -7.25
C PRO A 12 -3.58 23.07 -8.17
N PHE A 13 -2.85 21.96 -8.06
CA PHE A 13 -3.14 20.78 -8.85
C PHE A 13 -3.58 19.62 -7.95
N GLN A 14 -4.71 19.00 -8.30
CA GLN A 14 -5.37 18.04 -7.43
C GLN A 14 -5.05 16.60 -7.86
N ALA A 15 -4.31 15.89 -7.00
CA ALA A 15 -3.94 14.50 -7.23
C ALA A 15 -5.08 13.53 -7.59
N TYR A 16 -6.20 13.57 -6.90
CA TYR A 16 -7.27 12.65 -7.28
C TYR A 16 -7.75 12.89 -8.73
N LYS A 17 -7.80 14.14 -9.16
CA LYS A 17 -8.15 14.45 -10.54
C LYS A 17 -7.09 14.00 -11.55
N SER A 18 -5.81 14.14 -11.18
CA SER A 18 -4.74 13.63 -12.01
C SER A 18 -4.82 12.10 -12.15
N VAL A 19 -4.97 11.42 -11.03
CA VAL A 19 -4.98 9.95 -11.01
C VAL A 19 -6.23 9.39 -11.72
N ASN A 20 -7.37 10.03 -11.61
CA ASN A 20 -8.51 9.64 -12.40
C ASN A 20 -8.40 9.96 -13.85
N GLY A 21 -7.80 11.08 -14.18
CA GLY A 21 -7.59 11.47 -15.56
C GLY A 21 -8.88 11.56 -16.35
N PRO A 22 -8.86 11.09 -17.60
CA PRO A 22 -10.02 11.22 -18.48
C PRO A 22 -11.16 10.31 -18.02
N GLY A 23 -10.87 9.43 -17.07
CA GLY A 23 -11.87 8.48 -16.57
C GLY A 23 -11.85 7.14 -17.28
N ASN A 24 -10.73 6.83 -17.93
CA ASN A 24 -10.57 5.57 -18.66
C ASN A 24 -9.09 5.38 -19.00
N GLY A 25 -8.74 4.15 -19.41
CA GLY A 25 -7.39 3.84 -19.89
C GLY A 25 -6.29 3.93 -18.86
N GLY A 26 -5.17 4.51 -19.28
CA GLY A 26 -3.99 4.61 -18.43
C GLY A 26 -2.94 5.54 -18.98
N TYR A 27 -1.80 5.61 -18.29
CA TYR A 27 -0.73 6.55 -18.58
C TYR A 27 0.62 5.82 -18.73
N TYR A 28 1.33 6.13 -19.82
CA TYR A 28 2.68 5.65 -19.99
C TYR A 28 3.62 6.67 -19.38
N LEU A 29 4.74 6.19 -18.84
CA LEU A 29 5.79 7.12 -18.41
C LEU A 29 6.56 7.44 -19.70
N ARG A 30 6.32 8.65 -20.23
CA ARG A 30 6.84 9.05 -21.53
C ARG A 30 8.30 9.51 -21.47
N LYS A 31 8.60 10.40 -20.53
CA LYS A 31 9.99 10.88 -20.36
C LYS A 31 10.27 10.98 -18.87
N THR A 32 11.54 10.81 -18.49
CA THR A 32 11.95 11.00 -17.10
C THR A 32 13.40 11.49 -17.03
N THR A 33 13.74 12.22 -15.97
CA THR A 33 15.14 12.57 -15.72
C THR A 33 15.84 11.50 -14.90
N LYS A 34 15.13 10.45 -14.52
CA LYS A 34 15.80 9.35 -13.83
C LYS A 34 16.21 8.27 -14.86
N PRO A 35 17.49 7.87 -14.86
CA PRO A 35 17.96 6.83 -15.77
C PRO A 35 17.65 5.43 -15.24
N GLY A 36 17.58 4.46 -16.16
CA GLY A 36 17.42 3.06 -15.80
C GLY A 36 16.00 2.58 -15.54
N THR A 37 15.01 3.38 -15.94
CA THR A 37 13.63 2.94 -15.71
C THR A 37 13.15 1.92 -16.76
N PRO A 38 12.33 0.94 -16.33
CA PRO A 38 11.88 -0.10 -17.25
C PRO A 38 11.16 0.48 -18.47
N GLU A 39 11.46 -0.04 -19.66
CA GLU A 39 10.79 0.35 -20.90
C GLU A 39 9.29 0.13 -20.76
N CYS A 40 8.51 1.06 -21.33
CA CYS A 40 7.05 0.93 -21.40
C CYS A 40 6.36 0.88 -20.05
N ALA A 41 6.94 1.54 -19.06
CA ALA A 41 6.36 1.61 -17.71
C ALA A 41 5.03 2.36 -17.78
N TYR A 42 4.01 1.86 -17.08
CA TYR A 42 2.69 2.47 -17.16
C TYR A 42 1.89 2.22 -15.89
N VAL A 43 0.86 3.04 -15.69
CA VAL A 43 -0.12 2.81 -14.65
C VAL A 43 -1.47 2.80 -15.35
N LEU A 44 -2.44 2.08 -14.79
CA LEU A 44 -3.82 2.17 -15.25
C LEU A 44 -4.57 3.05 -14.26
N VAL A 45 -5.51 3.85 -14.75
CA VAL A 45 -6.38 4.61 -13.85
C VAL A 45 -7.19 3.63 -12.97
N PRO A 46 -7.39 3.96 -11.68
CA PRO A 46 -8.01 2.99 -10.77
C PRO A 46 -9.38 2.57 -11.28
N GLN A 47 -9.83 1.39 -10.89
CA GLN A 47 -11.08 0.86 -11.44
C GLN A 47 -12.30 1.66 -11.01
N ASN A 48 -12.17 2.34 -9.88
CA ASN A 48 -13.25 3.17 -9.36
C ASN A 48 -12.79 4.60 -9.10
N THR A 49 -13.70 5.55 -9.27
CA THR A 49 -13.39 6.96 -9.13
C THR A 49 -12.85 7.32 -7.73
N LEU A 50 -11.70 7.98 -7.73
CA LEU A 50 -11.11 8.51 -6.50
C LEU A 50 -11.67 9.89 -6.22
N SER A 51 -11.90 10.16 -4.94
CA SER A 51 -12.22 11.50 -4.47
C SER A 51 -11.11 11.84 -3.48
N GLU A 52 -11.11 13.07 -2.98
CA GLU A 52 -10.02 13.56 -2.14
C GLU A 52 -9.78 12.73 -0.89
N GLY A 53 -8.51 12.47 -0.59
CA GLY A 53 -8.11 11.75 0.63
C GLY A 53 -8.24 10.22 0.63
N GLN A 54 -8.74 9.66 -0.46
CA GLN A 54 -9.02 8.23 -0.50
C GLN A 54 -7.82 7.40 -0.92
N SER A 55 -7.84 6.13 -0.52
CA SER A 55 -6.84 5.13 -0.95
C SER A 55 -7.54 4.13 -1.82
N THR A 56 -6.82 3.54 -2.76
CA THR A 56 -7.41 2.57 -3.67
C THR A 56 -6.32 1.75 -4.31
N SER A 57 -6.70 0.60 -4.88
CA SER A 57 -5.74 -0.23 -5.61
C SER A 57 -5.61 0.31 -7.02
N PHE A 58 -4.45 0.09 -7.64
CA PHE A 58 -4.29 0.40 -9.04
C PHE A 58 -3.29 -0.56 -9.64
N THR A 59 -3.43 -0.78 -10.94
CA THR A 59 -2.53 -1.67 -11.66
C THR A 59 -1.41 -0.85 -12.31
N TYR A 60 -0.21 -1.42 -12.30
CA TYR A 60 0.94 -0.80 -12.94
C TYR A 60 1.80 -1.91 -13.54
N GLY A 61 2.66 -1.53 -14.47
CA GLY A 61 3.43 -2.53 -15.17
C GLY A 61 4.47 -1.99 -16.09
N LYS A 62 4.89 -2.83 -17.01
CA LYS A 62 5.99 -2.53 -17.89
C LYS A 62 6.09 -3.69 -18.87
N LEU A 63 6.86 -3.50 -19.93
CA LEU A 63 7.05 -4.53 -20.94
C LEU A 63 7.99 -5.61 -20.46
N GLN A 64 7.63 -6.86 -20.71
CA GLN A 64 8.45 -7.97 -20.27
C GLN A 64 8.09 -9.10 -21.23
N ASN A 65 9.08 -9.56 -21.97
CA ASN A 65 8.93 -10.71 -22.85
C ASN A 65 7.80 -10.58 -23.85
N GLY A 66 7.66 -9.38 -24.40
CA GLY A 66 6.66 -9.12 -25.43
C GLY A 66 5.29 -8.79 -24.87
N GLN A 67 5.14 -8.90 -23.55
CA GLN A 67 3.86 -8.61 -22.91
C GLN A 67 3.90 -7.56 -21.81
N MET A 68 2.80 -6.83 -21.66
CA MET A 68 2.64 -5.87 -20.57
C MET A 68 2.24 -6.63 -19.31
N ILE A 69 3.13 -6.71 -18.32
CA ILE A 69 2.79 -7.36 -17.07
C ILE A 69 2.03 -6.42 -16.15
N GLN A 70 1.11 -6.99 -15.36
CA GLN A 70 0.30 -6.20 -14.43
C GLN A 70 0.63 -6.54 -12.99
N LEU A 71 0.90 -5.51 -12.20
CA LEU A 71 1.14 -5.65 -10.78
C LEU A 71 0.19 -4.66 -10.09
N THR A 72 -0.06 -4.84 -8.81
CA THR A 72 -0.96 -3.94 -8.10
C THR A 72 -0.30 -3.34 -6.89
N ALA A 73 -0.71 -2.11 -6.59
CA ALA A 73 -0.25 -1.41 -5.40
C ALA A 73 -1.36 -0.49 -4.93
N THR A 74 -1.12 0.22 -3.85
CA THR A 74 -2.09 1.15 -3.31
C THR A 74 -1.62 2.57 -3.60
N VAL A 75 -2.59 3.44 -3.90
CA VAL A 75 -2.33 4.86 -4.10
C VAL A 75 -3.34 5.66 -3.24
N THR A 76 -2.83 6.62 -2.48
CA THR A 76 -3.65 7.52 -1.66
C THR A 76 -3.38 8.94 -2.12
N VAL A 77 -4.45 9.71 -2.29
CA VAL A 77 -4.36 11.05 -2.85
C VAL A 77 -4.77 12.14 -1.86
N ASN A 78 -3.89 13.12 -1.68
CA ASN A 78 -4.15 14.30 -0.85
C ASN A 78 -3.51 15.56 -1.47
N GLY A 79 -4.28 16.64 -1.64
CA GLY A 79 -3.73 17.86 -2.23
C GLY A 79 -3.06 17.47 -3.54
N ASP A 80 -1.82 17.91 -3.73
CA ASP A 80 -1.06 17.54 -4.93
C ASP A 80 -0.18 16.30 -4.76
N LYS A 81 -0.44 15.50 -3.73
CA LYS A 81 0.36 14.31 -3.47
C LYS A 81 -0.27 12.99 -3.89
N ILE A 82 0.47 12.22 -4.67
CA ILE A 82 0.12 10.83 -4.99
C ILE A 82 1.07 9.93 -4.22
N GLU A 83 0.54 9.28 -3.19
CA GLU A 83 1.36 8.46 -2.30
C GLU A 83 1.17 6.99 -2.61
N VAL A 84 2.25 6.33 -3.02
CA VAL A 84 2.16 4.95 -3.46
C VAL A 84 2.83 4.03 -2.44
N THR A 85 2.11 2.95 -2.10
CA THR A 85 2.60 1.95 -1.14
C THR A 85 2.46 0.55 -1.75
N GLY A 86 3.52 -0.24 -1.68
CA GLY A 86 3.46 -1.62 -2.15
C GLY A 86 3.77 -1.83 -3.63
N ALA A 87 4.56 -0.92 -4.20
CA ALA A 87 4.92 -1.01 -5.60
C ALA A 87 6.43 -1.25 -5.77
N GLY A 88 7.09 -1.59 -4.66
CA GLY A 88 8.50 -1.92 -4.69
C GLY A 88 9.38 -0.69 -4.82
N GLN A 89 10.51 -0.85 -5.50
CA GLN A 89 11.64 0.06 -5.33
C GLN A 89 11.65 1.13 -6.43
N ASP A 90 10.53 1.24 -7.14
CA ASP A 90 10.40 2.26 -8.19
C ASP A 90 9.28 3.25 -7.84
N LEU A 91 8.04 2.80 -7.93
CA LEU A 91 6.90 3.68 -7.86
C LEU A 91 6.49 4.07 -6.44
N SER A 92 6.99 3.34 -5.44
CA SER A 92 6.57 3.58 -4.06
C SER A 92 7.11 4.88 -3.50
N GLY A 93 6.31 5.55 -2.68
CA GLY A 93 6.70 6.82 -2.12
C GLY A 93 5.85 7.96 -2.67
N THR A 94 6.31 9.18 -2.47
CA THR A 94 5.48 10.34 -2.77
C THR A 94 5.76 10.96 -4.14
N THR A 95 4.75 10.93 -5.00
CA THR A 95 4.82 11.63 -6.28
C THR A 95 4.02 12.93 -6.17
N THR A 96 4.57 14.04 -6.64
CA THR A 96 3.89 15.33 -6.57
C THR A 96 3.45 15.76 -7.97
N VAL A 97 2.21 16.20 -8.10
CA VAL A 97 1.73 16.68 -9.39
C VAL A 97 2.13 18.15 -9.57
N LEU A 98 3.05 18.41 -10.50
CA LEU A 98 3.52 19.79 -10.72
C LEU A 98 2.58 20.46 -11.71
N PHE A 99 2.01 19.67 -12.61
CA PHE A 99 1.06 20.17 -13.58
C PHE A 99 0.24 19.03 -14.17
N SER A 100 -1.02 19.29 -14.51
CA SER A 100 -1.83 18.26 -15.15
C SER A 100 -2.99 18.94 -15.85
N ASP A 101 -3.47 18.33 -16.93
CA ASP A 101 -4.69 18.81 -17.58
C ASP A 101 -5.86 17.87 -17.28
N TYR A 102 -5.58 16.86 -16.46
CA TYR A 102 -6.63 16.00 -15.91
C TYR A 102 -7.23 15.11 -17.00
N ARG A 103 -6.54 15.01 -18.12
CA ARG A 103 -7.11 14.39 -19.32
C ARG A 103 -6.08 13.53 -20.04
N SER A 104 -5.02 14.16 -20.52
CA SER A 104 -4.05 13.49 -21.40
C SER A 104 -2.65 13.34 -20.83
N CYS A 105 -2.24 14.26 -19.98
CA CYS A 105 -0.84 14.26 -19.54
C CYS A 105 -0.63 14.88 -18.17
N ASP A 106 0.44 14.51 -17.49
CA ASP A 106 0.82 15.04 -16.21
C ASP A 106 2.30 15.34 -16.21
N VAL A 107 2.73 16.31 -15.44
CA VAL A 107 4.15 16.42 -15.10
C VAL A 107 4.30 16.26 -13.59
N MET A 108 5.20 15.37 -13.16
CA MET A 108 5.34 15.01 -11.77
C MET A 108 6.76 15.28 -11.31
N ARG A 109 6.91 15.37 -9.99
CA ARG A 109 8.20 15.10 -9.37
C ARG A 109 8.05 13.71 -8.73
N GLY A 110 8.83 12.74 -9.20
CA GLY A 110 8.77 11.36 -8.67
C GLY A 110 9.40 11.25 -7.29
N PRO A 111 9.25 10.09 -6.64
CA PRO A 111 9.67 9.99 -5.24
C PRO A 111 11.18 10.23 -5.02
N ASP A 112 12.00 9.90 -6.01
CA ASP A 112 13.45 10.10 -5.94
C ASP A 112 13.90 11.53 -6.20
N GLY A 113 12.95 12.40 -6.57
CA GLY A 113 13.24 13.81 -6.85
C GLY A 113 13.38 14.12 -8.33
N ASN A 114 13.31 13.11 -9.14
CA ASN A 114 13.36 13.25 -10.57
C ASN A 114 12.07 13.84 -11.16
N TYR A 115 12.14 14.34 -12.39
CA TYR A 115 10.98 14.80 -13.07
C TYR A 115 10.45 13.83 -14.09
N GLU A 116 9.14 13.85 -14.31
CA GLU A 116 8.48 12.82 -15.10
C GLU A 116 7.38 13.41 -15.96
N LEU A 117 7.26 12.93 -17.18
CA LEU A 117 6.12 13.25 -18.01
C LEU A 117 5.34 11.96 -18.24
N TRP A 118 4.09 11.96 -17.83
CA TRP A 118 3.21 10.83 -18.04
C TRP A 118 2.17 11.20 -19.07
N VAL A 119 1.89 10.31 -20.02
CA VAL A 119 0.92 10.61 -21.08
C VAL A 119 -0.12 9.51 -21.22
N HIS A 120 -1.38 9.93 -21.26
CA HIS A 120 -2.51 9.01 -21.39
C HIS A 120 -2.43 8.20 -22.69
N SER A 121 -2.84 6.93 -22.62
CA SER A 121 -2.83 6.06 -23.80
C SER A 121 -3.54 6.67 -25.03
N SER A 122 -4.57 7.47 -24.82
CA SER A 122 -5.21 8.15 -25.93
C SER A 122 -4.33 9.18 -26.65
N ALA A 123 -3.31 9.71 -25.97
CA ALA A 123 -2.54 10.81 -26.54
C ALA A 123 -1.08 10.45 -26.79
N ILE A 124 -0.69 9.22 -26.49
CA ILE A 124 0.72 8.86 -26.48
C ILE A 124 1.40 8.92 -27.86
N ASN A 125 0.66 8.67 -28.93
CA ASN A 125 1.23 8.68 -30.29
C ASN A 125 1.21 10.06 -30.97
N LEU A 126 0.82 11.10 -30.22
CA LEU A 126 0.82 12.45 -30.79
C LEU A 126 2.24 12.95 -31.02
N GLN A 127 2.38 13.94 -31.90
CA GLN A 127 3.69 14.48 -32.20
C GLN A 127 4.19 15.46 -31.13
N SER A 128 3.27 16.01 -30.36
CA SER A 128 3.64 16.94 -29.28
C SER A 128 2.62 16.86 -28.17
N TYR A 129 3.09 16.98 -26.94
CA TYR A 129 2.21 16.81 -25.79
C TYR A 129 1.76 18.14 -25.20
N GLY A 130 1.88 19.19 -26.02
CA GLY A 130 1.35 20.51 -25.67
C GLY A 130 1.89 21.11 -24.40
N CYS A 131 1.00 21.50 -23.50
CA CYS A 131 1.41 22.23 -22.31
C CYS A 131 2.29 21.42 -21.38
N CYS A 132 2.15 20.10 -21.43
CA CYS A 132 2.98 19.24 -20.60
C CYS A 132 4.40 19.22 -21.08
N ASP A 133 4.59 19.29 -22.37
CA ASP A 133 5.91 19.33 -22.92
C ASP A 133 6.58 20.62 -22.45
N THR A 134 5.88 21.71 -22.54
CA THR A 134 6.41 22.98 -22.09
C THR A 134 6.79 22.96 -20.61
N LYS A 135 5.97 22.32 -19.79
CA LYS A 135 6.19 22.32 -18.34
C LYS A 135 7.36 21.39 -18.03
N PHE A 136 7.37 20.23 -18.67
CA PHE A 136 8.43 19.25 -18.41
C PHE A 136 9.80 19.84 -18.80
N ALA A 137 9.84 20.54 -19.93
CA ALA A 137 11.06 21.25 -20.34
C ALA A 137 11.49 22.28 -19.31
N GLN A 138 10.53 23.03 -18.76
CA GLN A 138 10.88 24.00 -17.72
C GLN A 138 11.55 23.37 -16.52
N VAL A 139 10.89 22.38 -15.91
CA VAL A 139 11.41 21.79 -14.69
C VAL A 139 12.64 20.92 -14.90
N ALA A 140 12.74 20.29 -16.07
CA ALA A 140 13.83 19.37 -16.35
C ALA A 140 15.11 20.16 -16.57
N GLY A 141 14.97 21.32 -17.19
CA GLY A 141 16.10 22.21 -17.39
C GLY A 141 17.11 21.57 -18.32
N GLY A 142 18.37 21.59 -17.92
CA GLY A 142 19.44 21.01 -18.73
C GLY A 142 19.80 19.58 -18.34
N ARG A 143 18.97 18.99 -17.48
CA ARG A 143 19.17 17.61 -17.02
C ARG A 143 18.95 16.63 -18.18
N PRO A 144 19.70 15.53 -18.19
CA PRO A 144 19.49 14.52 -19.22
C PRO A 144 18.08 13.95 -19.16
N ILE A 145 17.49 13.71 -20.33
CA ILE A 145 16.13 13.18 -20.46
C ILE A 145 16.18 11.74 -20.98
N HIS A 146 15.43 10.86 -20.35
CA HIS A 146 15.27 9.52 -20.82
C HIS A 146 13.90 9.21 -21.34
N HIS A 147 13.84 8.68 -22.54
CA HIS A 147 12.61 8.44 -23.21
C HIS A 147 12.09 7.03 -23.04
N THR A 148 11.13 6.85 -22.16
CA THR A 148 10.80 5.55 -21.61
C THR A 148 9.78 4.79 -22.45
N TRP A 149 8.93 5.54 -23.13
CA TRP A 149 7.96 4.97 -24.06
C TRP A 149 8.54 5.04 -25.44
N GLN A 150 8.32 3.97 -26.20
CA GLN A 150 8.70 3.89 -27.60
C GLN A 150 7.52 3.34 -28.38
N THR A 151 7.44 3.72 -29.64
CA THR A 151 6.34 3.33 -30.51
C THR A 151 6.12 1.81 -30.57
N TYR A 152 7.15 1.04 -30.23
CA TYR A 152 7.05 -0.43 -30.21
C TYR A 152 6.41 -0.97 -28.94
N CYS A 153 6.16 -0.09 -27.96
CA CYS A 153 5.50 -0.51 -26.72
C CYS A 153 4.11 -1.07 -27.01
N PRO A 154 3.76 -2.22 -26.40
CA PRO A 154 2.41 -2.72 -26.61
C PRO A 154 1.36 -1.73 -26.09
N PRO A 155 0.10 -1.88 -26.52
CA PRO A 155 -1.00 -1.08 -25.99
C PRO A 155 -1.25 -1.44 -24.54
N LEU A 156 -1.92 -0.58 -23.80
CA LEU A 156 -2.16 -0.86 -22.39
C LEU A 156 -3.14 -2.01 -22.24
N PRO A 157 -2.89 -2.88 -21.25
CA PRO A 157 -3.82 -3.96 -20.91
C PRO A 157 -5.20 -3.41 -20.53
N GLN B 6 -0.97 -29.10 26.44
CA GLN B 6 -1.00 -28.14 27.60
C GLN B 6 -0.33 -26.84 27.21
N CYS B 7 -0.83 -25.75 27.76
CA CYS B 7 -0.34 -24.43 27.39
C CYS B 7 0.22 -23.66 28.59
N ASP B 8 1.46 -23.21 28.47
CA ASP B 8 2.04 -22.36 29.50
C ASP B 8 1.62 -20.92 29.27
N PHE B 9 0.50 -20.54 29.89
CA PHE B 9 -0.05 -19.19 29.72
C PHE B 9 0.52 -18.22 30.75
N GLY B 10 1.62 -18.66 31.40
CA GLY B 10 2.33 -17.82 32.36
C GLY B 10 3.33 -16.97 31.60
N GLY B 11 3.22 -15.65 31.75
CA GLY B 11 4.10 -14.75 31.03
C GLY B 11 5.49 -14.73 31.61
N PRO B 12 6.12 -13.55 31.56
CA PRO B 12 5.48 -12.41 30.94
C PRO B 12 5.61 -12.51 29.43
N PHE B 13 4.76 -11.74 28.68
CA PHE B 13 4.88 -11.73 27.21
C PHE B 13 5.49 -10.45 26.65
N GLN B 14 6.30 -10.61 25.60
CA GLN B 14 7.05 -9.50 25.04
C GLN B 14 6.51 -9.02 23.70
N ALA B 15 6.00 -7.78 23.67
CA ALA B 15 5.42 -7.19 22.46
C ALA B 15 6.28 -7.29 21.21
N TYR B 16 7.60 -7.14 21.36
CA TYR B 16 8.47 -7.09 20.18
C TYR B 16 8.66 -8.49 19.58
N LYS B 17 8.74 -9.48 20.45
CA LYS B 17 8.81 -10.87 20.05
C LYS B 17 7.53 -11.29 19.31
N SER B 18 6.40 -10.71 19.76
CA SER B 18 5.11 -10.94 19.12
C SER B 18 4.98 -10.21 17.79
N VAL B 19 5.49 -8.98 17.74
CA VAL B 19 5.41 -8.19 16.51
C VAL B 19 6.28 -8.75 15.39
N ASN B 20 7.48 -9.20 15.75
CA ASN B 20 8.35 -9.86 14.78
C ASN B 20 7.80 -11.24 14.37
N GLY B 21 7.07 -11.87 15.29
CA GLY B 21 6.59 -13.23 15.08
C GLY B 21 7.72 -14.13 14.59
N PRO B 22 7.44 -14.95 13.57
CA PRO B 22 8.43 -15.86 12.98
C PRO B 22 9.37 -15.16 12.01
N GLY B 23 9.28 -13.83 11.94
CA GLY B 23 10.23 -13.06 11.15
C GLY B 23 10.00 -13.00 9.66
N ASN B 24 8.77 -13.31 9.22
CA ASN B 24 8.39 -13.19 7.81
C ASN B 24 6.88 -13.17 7.68
N GLY B 25 6.39 -12.72 6.52
CA GLY B 25 4.95 -12.73 6.23
C GLY B 25 4.16 -11.70 7.02
N GLY B 26 2.99 -12.11 7.52
CA GLY B 26 2.17 -11.21 8.32
C GLY B 26 1.08 -11.95 9.06
N TYR B 27 0.20 -11.18 9.70
CA TYR B 27 -0.87 -11.77 10.49
C TYR B 27 -2.22 -11.23 10.01
N TYR B 28 -3.21 -12.10 9.91
CA TYR B 28 -4.61 -11.71 9.68
C TYR B 28 -5.33 -11.57 11.02
N LEU B 29 -6.28 -10.64 11.11
CA LEU B 29 -7.15 -10.57 12.27
C LEU B 29 -8.18 -11.67 12.04
N ARG B 30 -8.00 -12.79 12.74
CA ARG B 30 -8.86 -13.97 12.53
C ARG B 30 -10.21 -13.84 13.23
N LYS B 31 -10.19 -13.41 14.48
CA LYS B 31 -11.41 -13.21 15.27
C LYS B 31 -11.30 -11.96 16.14
N THR B 32 -12.44 -11.31 16.40
CA THR B 32 -12.47 -10.12 17.25
C THR B 32 -13.85 -9.85 17.88
N THR B 33 -13.99 -8.65 18.48
CA THR B 33 -15.27 -8.20 19.07
C THR B 33 -15.69 -6.79 18.65
N LYS B 34 -14.75 -6.05 18.09
CA LYS B 34 -15.05 -4.91 17.25
C LYS B 34 -16.04 -5.29 16.16
N GLY B 36 -17.59 -3.35 13.63
CA GLY B 36 -17.66 -3.01 12.21
C GLY B 36 -16.27 -2.89 11.60
N THR B 37 -15.35 -3.75 12.04
CA THR B 37 -14.00 -3.79 11.49
C THR B 37 -13.99 -4.28 10.05
N PRO B 38 -13.14 -3.67 9.19
CA PRO B 38 -13.05 -4.01 7.78
C PRO B 38 -12.66 -5.47 7.58
N GLU B 39 -13.29 -6.12 6.61
CA GLU B 39 -13.00 -7.52 6.31
C GLU B 39 -11.55 -7.68 5.87
N CYS B 40 -10.96 -8.82 6.25
CA CYS B 40 -9.59 -9.18 5.88
C CYS B 40 -8.52 -8.24 6.38
N ALA B 41 -8.75 -7.57 7.51
CA ALA B 41 -7.72 -6.67 8.05
C ALA B 41 -6.48 -7.50 8.32
N TYR B 42 -5.29 -6.93 8.15
CA TYR B 42 -4.02 -7.63 8.33
C TYR B 42 -2.88 -6.68 8.72
N VAL B 43 -1.79 -7.22 9.22
CA VAL B 43 -0.52 -6.50 9.30
C VAL B 43 0.59 -7.37 8.70
N LEU B 44 1.68 -6.75 8.27
CA LEU B 44 2.86 -7.50 7.84
C LEU B 44 3.91 -7.31 8.94
N VAL B 45 4.72 -8.34 9.21
CA VAL B 45 5.77 -8.18 10.20
C VAL B 45 6.68 -7.05 9.70
N PRO B 46 7.27 -6.27 10.62
CA PRO B 46 8.14 -5.16 10.18
C PRO B 46 9.30 -5.71 9.34
N GLN B 47 9.85 -4.91 8.44
CA GLN B 47 10.92 -5.37 7.57
C GLN B 47 12.26 -5.53 8.29
N ASN B 48 12.46 -4.83 9.41
CA ASN B 48 13.59 -5.14 10.29
C ASN B 48 13.17 -5.56 11.70
N THR B 49 13.97 -6.43 12.30
CA THR B 49 13.76 -6.94 13.65
C THR B 49 13.67 -5.85 14.71
N LEU B 50 12.60 -5.87 15.49
CA LEU B 50 12.46 -4.95 16.62
C LEU B 50 13.07 -5.52 17.90
N SER B 51 13.62 -4.64 18.72
CA SER B 51 14.09 -4.97 20.06
C SER B 51 13.22 -4.23 21.08
N GLU B 52 13.43 -4.50 22.37
CA GLU B 52 12.65 -3.82 23.40
C GLU B 52 12.81 -2.30 23.35
N GLY B 53 11.68 -1.61 23.25
CA GLY B 53 11.67 -0.15 23.27
C GLY B 53 11.82 0.53 21.93
N GLN B 54 11.96 -0.25 20.86
CA GLN B 54 12.21 0.32 19.53
C GLN B 54 10.93 0.62 18.74
N SER B 55 11.05 1.47 17.74
CA SER B 55 9.93 1.74 16.84
C SER B 55 10.37 1.59 15.38
N THR B 56 9.50 1.04 14.54
CA THR B 56 9.77 0.99 13.10
C THR B 56 8.49 1.16 12.29
N SER B 57 8.63 1.15 10.97
CA SER B 57 7.49 1.22 10.06
C SER B 57 6.94 -0.20 9.82
N PHE B 58 5.63 -0.31 9.59
CA PHE B 58 5.03 -1.59 9.23
C PHE B 58 3.84 -1.35 8.30
N THR B 59 3.54 -2.35 7.47
CA THR B 59 2.45 -2.28 6.51
C THR B 59 1.23 -2.97 7.12
N TYR B 60 0.05 -2.37 6.92
CA TYR B 60 -1.22 -2.98 7.32
C TYR B 60 -2.22 -2.72 6.20
N GLY B 61 -3.41 -3.29 6.32
CA GLY B 61 -4.44 -3.10 5.30
C GLY B 61 -5.72 -3.88 5.53
N LYS B 62 -6.46 -4.09 4.46
CA LYS B 62 -7.76 -4.73 4.52
C LYS B 62 -8.25 -4.88 3.10
N LEU B 63 -9.27 -5.71 2.94
CA LEU B 63 -9.90 -5.91 1.66
C LEU B 63 -10.71 -4.67 1.32
N GLN B 64 -10.39 -4.06 0.18
CA GLN B 64 -11.17 -2.95 -0.30
C GLN B 64 -11.44 -3.09 -1.78
N ASN B 65 -12.71 -3.28 -2.14
CA ASN B 65 -13.08 -3.42 -3.54
C ASN B 65 -12.39 -4.61 -4.20
N GLY B 66 -12.45 -5.77 -3.55
CA GLY B 66 -11.90 -6.99 -4.09
C GLY B 66 -10.39 -7.08 -4.04
N GLN B 67 -9.72 -6.02 -3.60
CA GLN B 67 -8.27 -6.05 -3.50
C GLN B 67 -7.78 -5.71 -2.09
N MET B 68 -6.56 -6.14 -1.77
CA MET B 68 -5.93 -5.85 -0.49
C MET B 68 -5.14 -4.56 -0.62
N ILE B 69 -5.56 -3.51 0.08
CA ILE B 69 -4.79 -2.27 0.10
C ILE B 69 -3.73 -2.38 1.19
N GLN B 70 -2.59 -1.72 0.96
CA GLN B 70 -1.51 -1.67 1.93
C GLN B 70 -1.26 -0.21 2.25
N LEU B 71 -1.15 0.09 3.53
CA LEU B 71 -0.74 1.41 3.97
C LEU B 71 0.43 1.23 4.93
N THR B 72 1.06 2.33 5.31
CA THR B 72 2.18 2.27 6.24
C THR B 72 1.90 3.04 7.52
N ALA B 73 2.33 2.49 8.65
CA ALA B 73 2.21 3.20 9.93
C ALA B 73 3.46 2.94 10.76
N THR B 74 3.44 3.36 12.01
CA THR B 74 4.60 3.22 12.88
C THR B 74 4.20 2.42 14.12
N VAL B 75 5.00 1.43 14.48
CA VAL B 75 4.74 0.64 15.68
C VAL B 75 5.88 0.80 16.69
N THR B 76 5.54 0.79 17.98
CA THR B 76 6.50 0.82 19.08
C THR B 76 6.19 -0.29 20.08
N VAL B 77 7.23 -0.91 20.64
CA VAL B 77 7.04 -2.09 21.49
C VAL B 77 7.69 -1.98 22.88
N ASN B 78 6.89 -2.07 23.93
CA ASN B 78 7.38 -1.84 25.30
C ASN B 78 6.68 -2.74 26.30
N GLY B 79 7.44 -3.67 26.89
CA GLY B 79 6.85 -4.66 27.78
C GLY B 79 5.99 -5.60 26.96
N ASP B 80 4.76 -5.83 27.40
CA ASP B 80 3.79 -6.57 26.59
C ASP B 80 2.86 -5.65 25.77
N LYS B 81 3.29 -4.41 25.54
CA LYS B 81 2.50 -3.43 24.80
C LYS B 81 3.00 -3.16 23.37
N ILE B 82 2.06 -3.14 22.43
CA ILE B 82 2.33 -2.74 21.04
C ILE B 82 1.65 -1.39 20.79
N GLU B 83 2.44 -0.35 20.57
CA GLU B 83 1.88 0.99 20.35
C GLU B 83 1.94 1.41 18.88
N VAL B 84 0.77 1.63 18.28
CA VAL B 84 0.70 2.07 16.89
C VAL B 84 0.36 3.55 16.77
N THR B 85 1.05 4.23 15.86
CA THR B 85 0.80 5.64 15.58
C THR B 85 0.82 5.85 14.08
N GLY B 86 -0.15 6.61 13.57
CA GLY B 86 -0.19 6.94 12.15
C GLY B 86 -1.01 5.98 11.29
N ALA B 87 -1.84 5.18 11.95
CA ALA B 87 -2.77 4.29 11.25
C ALA B 87 -4.22 4.68 11.55
N LEU B 91 -6.36 1.43 13.69
CA LEU B 91 -5.33 0.57 14.24
C LEU B 91 -4.44 1.32 15.26
N SER B 92 -4.63 2.64 15.35
CA SER B 92 -3.75 3.50 16.15
C SER B 92 -4.05 3.44 17.64
N GLY B 93 -3.06 3.07 18.45
CA GLY B 93 -3.23 2.96 19.90
C GLY B 93 -2.43 1.84 20.54
N THR B 94 -2.89 1.35 21.68
CA THR B 94 -2.12 0.38 22.46
C THR B 94 -2.70 -1.03 22.47
N THR B 95 -1.91 -1.99 22.03
CA THR B 95 -2.32 -3.38 22.00
C THR B 95 -1.48 -4.18 23.00
N THR B 96 -2.15 -5.06 23.73
CA THR B 96 -1.50 -5.88 24.74
C THR B 96 -1.40 -7.35 24.31
N VAL B 97 -0.20 -7.94 24.43
CA VAL B 97 0.01 -9.37 24.14
C VAL B 97 -0.32 -10.22 25.38
N LEU B 98 -1.49 -10.87 25.33
CA LEU B 98 -1.92 -11.78 26.38
C LEU B 98 -1.25 -13.14 26.26
N PHE B 99 -1.26 -13.71 25.05
CA PHE B 99 -0.57 -14.98 24.85
C PHE B 99 0.04 -14.96 23.45
N SER B 100 1.06 -15.79 23.24
CA SER B 100 1.64 -15.97 21.91
C SER B 100 2.75 -17.03 21.93
N ASP B 101 3.11 -17.51 20.75
CA ASP B 101 4.20 -18.48 20.61
C ASP B 101 5.30 -17.84 19.78
N TYR B 102 5.11 -16.54 19.49
CA TYR B 102 6.09 -15.73 18.76
C TYR B 102 6.48 -16.40 17.43
N ARG B 103 5.52 -17.10 16.84
CA ARG B 103 5.78 -17.84 15.61
C ARG B 103 4.68 -17.62 14.58
N SER B 104 3.47 -17.86 15.03
CA SER B 104 2.39 -18.15 14.16
C SER B 104 1.05 -17.90 14.75
N CYS B 105 0.96 -17.21 15.84
CA CYS B 105 -0.31 -16.81 16.43
C CYS B 105 -0.08 -15.84 17.59
N ASP B 106 -1.08 -15.02 17.88
CA ASP B 106 -1.05 -14.15 19.03
C ASP B 106 -2.48 -13.93 19.45
N VAL B 107 -2.69 -13.72 20.74
CA VAL B 107 -3.96 -13.29 21.26
C VAL B 107 -3.71 -11.97 21.96
N MET B 108 -4.49 -10.96 21.63
CA MET B 108 -4.24 -9.62 22.15
C MET B 108 -5.49 -9.08 22.81
N ARG B 109 -5.30 -8.04 23.61
CA ARG B 109 -6.40 -7.15 23.95
C ARG B 109 -6.23 -5.93 23.07
N GLY B 110 -7.24 -5.63 22.25
CA GLY B 110 -7.13 -4.50 21.32
C GLY B 110 -7.16 -3.19 22.05
N PRO B 111 -7.04 -2.07 21.32
CA PRO B 111 -7.04 -0.75 21.95
C PRO B 111 -8.24 -0.53 22.87
N ASP B 112 -9.44 -0.76 22.35
CA ASP B 112 -10.66 -0.58 23.13
C ASP B 112 -11.06 -1.98 23.62
N GLY B 113 -12.36 -2.25 23.62
CA GLY B 113 -12.76 -3.63 23.47
C GLY B 113 -12.56 -4.14 22.06
N ASN B 114 -11.78 -5.21 21.93
CA ASN B 114 -11.64 -6.19 23.00
C ASN B 114 -10.51 -7.17 22.73
N TYR B 115 -10.85 -8.45 22.65
CA TYR B 115 -9.88 -9.50 22.39
C TYR B 115 -9.78 -9.77 20.90
N GLU B 116 -8.54 -9.99 20.44
CA GLU B 116 -8.30 -10.24 19.03
C GLU B 116 -7.46 -11.50 18.97
N LEU B 117 -7.86 -12.42 18.07
CA LEU B 117 -6.99 -13.53 17.71
C LEU B 117 -6.33 -13.17 16.38
N TRP B 118 -5.00 -13.15 16.36
CA TRP B 118 -4.26 -12.92 15.12
C TRP B 118 -3.52 -14.18 14.74
N VAL B 119 -3.53 -14.50 13.46
CA VAL B 119 -2.93 -15.73 13.00
C VAL B 119 -2.06 -15.42 11.81
N HIS B 120 -0.84 -15.96 11.84
CA HIS B 120 0.12 -15.77 10.76
C HIS B 120 -0.41 -16.36 9.45
N SER B 121 -0.01 -15.74 8.34
CA SER B 121 -0.38 -16.21 7.00
C SER B 121 -0.08 -17.70 6.78
N SER B 122 1.06 -18.17 7.29
CA SER B 122 1.44 -19.58 7.15
C SER B 122 0.47 -20.53 7.87
N ALA B 123 -0.18 -20.03 8.92
CA ALA B 123 -1.04 -20.89 9.74
C ALA B 123 -2.54 -20.60 9.61
N ILE B 124 -2.91 -19.65 8.76
CA ILE B 124 -4.31 -19.22 8.67
C ILE B 124 -5.31 -20.32 8.26
N ASN B 125 -4.85 -21.23 7.40
CA ASN B 125 -5.72 -22.27 6.86
C ASN B 125 -5.82 -23.54 7.71
N LEU B 126 -5.70 -23.37 9.02
CA LEU B 126 -5.88 -24.47 9.97
C LEU B 126 -7.29 -24.44 10.54
N GLN B 127 -7.75 -25.59 11.02
CA GLN B 127 -9.03 -25.68 11.72
C GLN B 127 -8.76 -25.67 13.23
N SER B 128 -7.48 -25.40 13.57
CA SER B 128 -7.03 -25.37 14.96
C SER B 128 -5.76 -24.54 15.08
N TYR B 129 -5.80 -23.53 15.94
CA TYR B 129 -4.62 -22.70 16.20
C TYR B 129 -4.01 -23.05 17.54
N GLY B 130 -3.83 -24.33 17.80
CA GLY B 130 -3.18 -24.79 19.02
C GLY B 130 -3.50 -23.90 20.21
N CYS B 131 -2.46 -23.54 20.96
CA CYS B 131 -2.65 -22.89 22.25
C CYS B 131 -3.28 -21.51 22.14
N CYS B 132 -3.11 -20.84 21.01
CA CYS B 132 -3.83 -19.57 20.80
C CYS B 132 -5.32 -19.84 20.70
N ASP B 133 -5.65 -20.87 19.89
CA ASP B 133 -7.03 -21.34 19.80
C ASP B 133 -7.58 -21.44 21.21
N THR B 134 -6.74 -21.89 22.15
CA THR B 134 -7.21 -22.14 23.52
C THR B 134 -7.25 -20.83 24.32
N LYS B 135 -6.22 -20.01 24.17
CA LYS B 135 -6.10 -18.79 24.96
C LYS B 135 -7.19 -17.79 24.58
N PHE B 136 -7.55 -17.77 23.31
CA PHE B 136 -8.62 -16.90 22.82
C PHE B 136 -9.98 -17.41 23.27
N ALA B 137 -10.12 -18.74 23.33
CA ALA B 137 -11.31 -19.35 23.88
C ALA B 137 -11.57 -18.94 25.33
N GLN B 138 -10.50 -18.71 26.09
CA GLN B 138 -10.65 -18.47 27.53
C GLN B 138 -10.88 -16.99 27.88
N VAL B 139 -10.29 -16.11 27.10
CA VAL B 139 -10.34 -14.66 27.33
C VAL B 139 -11.59 -14.04 26.71
N ALA B 140 -12.11 -14.67 25.66
CA ALA B 140 -13.30 -14.20 24.99
C ALA B 140 -14.44 -15.21 25.08
N GLY B 141 -14.62 -15.78 26.26
CA GLY B 141 -15.62 -16.83 26.46
C GLY B 141 -17.01 -16.26 26.61
N GLY B 142 -18.00 -16.97 26.08
CA GLY B 142 -19.40 -16.51 26.14
C GLY B 142 -19.70 -15.41 25.14
N ARG B 143 -18.80 -14.43 25.03
CA ARG B 143 -19.00 -13.27 24.16
C ARG B 143 -19.22 -13.61 22.69
N PRO B 144 -19.81 -12.66 21.95
CA PRO B 144 -19.97 -12.76 20.50
C PRO B 144 -18.62 -12.64 19.78
N ILE B 145 -18.45 -13.41 18.71
CA ILE B 145 -17.20 -13.41 17.97
C ILE B 145 -17.44 -12.97 16.53
N HIS B 146 -16.76 -11.90 16.11
CA HIS B 146 -16.82 -11.45 14.72
C HIS B 146 -15.70 -12.11 13.92
N HIS B 147 -16.04 -12.69 12.78
CA HIS B 147 -15.05 -13.38 11.96
C HIS B 147 -14.58 -12.50 10.82
N THR B 148 -13.50 -11.77 11.08
CA THR B 148 -13.00 -10.78 10.14
C THR B 148 -12.26 -11.44 8.98
N TRP B 149 -11.59 -12.54 9.28
CA TRP B 149 -10.98 -13.32 8.21
C TRP B 149 -12.01 -14.28 7.66
N GLN B 150 -12.17 -14.24 6.34
CA GLN B 150 -13.04 -15.19 5.67
C GLN B 150 -12.23 -16.00 4.65
N THR B 151 -12.84 -17.06 4.18
CA THR B 151 -12.21 -17.95 3.20
C THR B 151 -11.87 -17.22 1.88
N TYR B 152 -12.64 -16.17 1.60
CA TYR B 152 -12.49 -15.41 0.37
C TYR B 152 -11.51 -14.25 0.47
N CYS B 153 -10.74 -14.19 1.57
CA CYS B 153 -9.70 -13.18 1.69
C CYS B 153 -8.50 -13.57 0.82
N PRO B 154 -7.98 -12.59 0.06
CA PRO B 154 -6.79 -12.79 -0.76
C PRO B 154 -5.55 -13.05 0.10
N PRO B 155 -4.49 -13.58 -0.51
CA PRO B 155 -3.23 -13.73 0.21
C PRO B 155 -2.72 -12.36 0.62
N LEU B 156 -1.78 -12.30 1.56
CA LEU B 156 -1.23 -11.02 1.99
C LEU B 156 -0.23 -10.55 0.94
N PRO B 157 -0.06 -9.24 0.79
CA PRO B 157 0.94 -8.77 -0.17
C PRO B 157 2.34 -9.19 0.28
#